data_1QVJ
#
_entry.id   1QVJ
#
_cell.length_a   78.900
_cell.length_b   87.455
_cell.length_c   120.308
_cell.angle_alpha   90.00
_cell.angle_beta   90.00
_cell.angle_gamma   90.00
#
_symmetry.space_group_name_H-M   'I 2 2 2'
#
loop_
_entity.id
_entity.type
_entity.pdbx_description
1 polymer 'ADP-ribose pyrophosphatase'
2 non-polymer 'SULFATE ION'
3 non-polymer 'MAGNESIUM ION'
4 non-polymer 2-AMINO-2-HYDROXYMETHYL-PROPANE-1,3-DIOL
5 non-polymer 5-O-phosphono-beta-D-ribofuranose
6 water water
#
_entity_poly.entity_id   1
_entity_poly.type   'polypeptide(L)'
_entity_poly.pdbx_seq_one_letter_code
;ENSHNKARTSPYPGSKVERSQVPNEKVGWLVEWQDYKPVEYTAVSVLAGPRWADPQISESNFSPKFNEKDGHVERKSKNG
LYEIENGRPRNPAGRTGLVGRGLLGRWGPNHAADPIITRWKRDSSGNKI(MSE)HPVSGKHILQFVAIKRKDCGEWAIPG
G(MSE)VDPGEKISATLKREFGEEALNSLQKTSAEKREIEEKLHKLFSQDHLVIYKGYVDDPRNTDNAW(MSE)ETEAVN
YHDETGEI(MSE)DNL(MSE)LEAGDDAGKVKWVDINDKLKLYASHSQFIKLVAEKRDAHWSEDSEADCHAL
;
_entity_poly.pdbx_strand_id   A
#
# COMPACT_ATOMS: atom_id res chain seq x y z
N GLU A 1 5.90 12.88 15.95
CA GLU A 1 5.99 12.22 17.27
C GLU A 1 4.99 11.07 17.39
N ASN A 2 4.71 10.38 16.29
CA ASN A 2 3.78 9.26 16.36
C ASN A 2 4.44 7.95 15.92
N SER A 3 4.49 7.00 16.85
CA SER A 3 5.11 5.72 16.60
C SER A 3 4.21 4.86 15.75
N HIS A 4 4.78 3.88 15.06
CA HIS A 4 3.93 2.98 14.26
C HIS A 4 3.07 2.20 15.25
N ASN A 5 1.79 2.00 14.94
CA ASN A 5 0.90 1.31 15.88
C ASN A 5 0.37 -0.03 15.38
N LYS A 6 0.05 -0.11 14.09
CA LYS A 6 -0.47 -1.36 13.54
C LYS A 6 0.61 -2.43 13.60
N ALA A 7 1.86 -1.99 13.47
CA ALA A 7 3.01 -2.88 13.50
C ALA A 7 3.34 -3.42 14.89
N ARG A 8 2.56 -3.00 15.89
CA ARG A 8 2.76 -3.48 17.24
C ARG A 8 1.47 -4.07 17.81
N THR A 9 0.58 -4.52 16.92
CA THR A 9 -0.67 -5.12 17.39
C THR A 9 -0.49 -6.64 17.48
N SER A 10 -1.27 -7.30 18.33
CA SER A 10 -1.18 -8.75 18.47
C SER A 10 -2.60 -9.34 18.42
N PRO A 11 -2.71 -10.63 18.06
CA PRO A 11 -1.58 -11.50 17.71
C PRO A 11 -1.14 -11.14 16.29
N TYR A 12 0.02 -11.65 15.86
CA TYR A 12 0.53 -11.39 14.51
C TYR A 12 -0.45 -12.00 13.50
N PRO A 13 -0.72 -11.31 12.39
CA PRO A 13 -1.65 -11.82 11.37
C PRO A 13 -1.50 -13.29 11.03
N GLY A 14 -2.62 -14.00 11.09
CA GLY A 14 -2.67 -15.42 10.76
C GLY A 14 -1.98 -16.35 11.72
N SER A 15 -1.81 -15.90 12.96
CA SER A 15 -1.15 -16.68 13.97
C SER A 15 -1.72 -16.31 15.32
N LYS A 16 -1.23 -16.98 16.36
CA LYS A 16 -1.65 -16.70 17.71
C LYS A 16 -0.46 -16.11 18.46
N VAL A 17 0.61 -15.83 17.72
CA VAL A 17 1.81 -15.26 18.31
C VAL A 17 1.57 -13.86 18.86
N GLU A 18 1.98 -13.66 20.11
CA GLU A 18 1.85 -12.39 20.81
C GLU A 18 3.21 -11.68 20.76
N ARG A 19 3.22 -10.44 20.28
CA ARG A 19 4.45 -9.66 20.19
C ARG A 19 4.88 -9.22 21.61
N SER A 20 6.16 -8.97 21.80
N SER A 20 6.17 -8.98 21.80
CA SER A 20 6.63 -8.50 23.09
CA SER A 20 6.62 -8.51 23.11
C SER A 20 6.14 -7.05 23.16
C SER A 20 6.13 -7.07 23.17
N GLN A 21 5.86 -6.57 24.38
CA GLN A 21 5.36 -5.21 24.56
C GLN A 21 6.45 -4.15 24.39
N VAL A 22 6.14 -3.09 23.63
CA VAL A 22 7.09 -2.02 23.41
C VAL A 22 6.53 -0.68 23.82
N PRO A 23 6.99 -0.15 24.98
CA PRO A 23 6.53 1.16 25.47
C PRO A 23 6.83 2.17 24.36
N ASN A 24 5.91 3.11 24.11
CA ASN A 24 6.13 4.08 23.05
C ASN A 24 7.47 4.82 23.15
N GLU A 25 7.92 5.10 24.36
N GLU A 25 7.90 5.07 24.38
CA GLU A 25 9.18 5.81 24.54
CA GLU A 25 9.15 5.79 24.61
C GLU A 25 10.37 4.97 24.12
C GLU A 25 10.39 4.95 24.28
N LYS A 26 10.18 3.66 23.98
CA LYS A 26 11.27 2.77 23.60
C LYS A 26 11.15 2.23 22.16
N VAL A 27 10.31 2.87 21.36
CA VAL A 27 10.16 2.45 19.98
C VAL A 27 11.44 2.74 19.17
N GLY A 28 12.02 3.92 19.34
CA GLY A 28 13.21 4.26 18.58
C GLY A 28 14.43 3.41 18.87
N TRP A 29 15.09 2.89 17.81
CA TRP A 29 16.27 2.05 18.00
C TRP A 29 17.36 2.81 18.73
N LEU A 30 17.35 4.13 18.60
CA LEU A 30 18.33 4.96 19.26
C LEU A 30 18.22 4.85 20.76
N VAL A 31 17.03 4.57 21.26
CA VAL A 31 16.85 4.43 22.69
C VAL A 31 17.47 3.12 23.19
N GLU A 32 18.31 3.22 24.22
CA GLU A 32 18.94 2.02 24.74
C GLU A 32 17.93 1.14 25.49
N TRP A 33 17.97 -0.16 25.22
CA TRP A 33 17.06 -1.10 25.89
C TRP A 33 17.69 -2.48 25.86
N GLN A 34 18.63 -2.67 26.77
CA GLN A 34 19.36 -3.92 26.88
C GLN A 34 18.46 -5.13 27.09
N ASP A 35 17.37 -4.96 27.83
CA ASP A 35 16.48 -6.07 28.10
C ASP A 35 15.46 -6.33 27.00
N TYR A 36 15.50 -5.57 25.91
CA TYR A 36 14.52 -5.80 24.83
C TYR A 36 14.60 -7.25 24.38
N LYS A 37 13.48 -7.96 24.49
CA LYS A 37 13.44 -9.38 24.10
C LYS A 37 12.25 -9.67 23.18
N PRO A 38 12.37 -9.40 21.90
CA PRO A 38 11.30 -9.67 20.93
C PRO A 38 11.11 -11.17 20.72
N VAL A 39 9.84 -11.46 20.46
N VAL A 39 9.84 -11.46 20.46
CA VAL A 39 9.51 -12.83 20.19
CA VAL A 39 9.53 -12.86 20.21
C VAL A 39 9.96 -13.15 18.78
C VAL A 39 9.97 -13.14 18.78
N GLU A 40 10.43 -14.36 18.52
CA GLU A 40 10.90 -14.71 17.18
C GLU A 40 9.80 -15.44 16.44
N TYR A 41 9.55 -15.03 15.20
CA TYR A 41 8.52 -15.66 14.40
C TYR A 41 8.56 -15.38 12.90
N THR A 42 8.55 -16.46 12.12
CA THR A 42 8.49 -16.37 10.66
C THR A 42 7.44 -17.43 10.28
N ALA A 43 6.49 -17.05 9.44
CA ALA A 43 5.43 -18.00 9.06
C ALA A 43 5.96 -19.22 8.32
N VAL A 44 5.31 -20.35 8.57
CA VAL A 44 5.67 -21.63 7.93
C VAL A 44 5.76 -21.42 6.42
N SER A 45 4.78 -20.71 5.85
CA SER A 45 4.73 -20.46 4.41
C SER A 45 5.98 -19.75 3.91
N VAL A 46 6.57 -18.92 4.77
CA VAL A 46 7.79 -18.21 4.39
C VAL A 46 8.99 -19.13 4.62
N LEU A 47 8.95 -19.85 5.73
CA LEU A 47 10.04 -20.76 6.08
C LEU A 47 10.16 -21.88 5.04
N ALA A 48 9.03 -22.24 4.42
CA ALA A 48 9.01 -23.30 3.41
C ALA A 48 9.84 -22.91 2.19
N GLY A 49 10.19 -21.63 2.10
CA GLY A 49 11.02 -21.18 0.99
C GLY A 49 10.44 -21.05 -0.41
N PRO A 50 9.23 -20.47 -0.59
CA PRO A 50 8.65 -20.30 -1.92
C PRO A 50 9.48 -19.32 -2.74
N ARG A 51 9.22 -19.25 -4.06
CA ARG A 51 9.98 -18.36 -4.93
C ARG A 51 9.97 -16.88 -4.53
N TRP A 52 8.94 -16.44 -3.83
CA TRP A 52 8.86 -15.03 -3.41
C TRP A 52 9.47 -14.73 -2.04
N ALA A 53 10.08 -15.74 -1.42
CA ALA A 53 10.69 -15.57 -0.10
C ALA A 53 12.19 -15.77 -0.12
N ASP A 54 12.89 -15.04 0.73
CA ASP A 54 14.33 -15.14 0.85
C ASP A 54 14.63 -16.37 1.70
N PRO A 55 15.90 -16.83 1.70
CA PRO A 55 16.28 -17.98 2.52
C PRO A 55 16.42 -17.37 3.94
N GLN A 56 16.67 -18.20 4.95
CA GLN A 56 16.89 -17.65 6.29
C GLN A 56 18.30 -17.04 6.25
N ILE A 57 18.58 -16.11 7.15
CA ILE A 57 19.90 -15.47 7.15
C ILE A 57 21.06 -16.45 7.32
N SER A 58 20.82 -17.52 8.07
CA SER A 58 21.86 -18.52 8.30
C SER A 58 22.21 -19.38 7.07
N GLU A 59 21.29 -19.55 6.14
CA GLU A 59 21.60 -20.38 4.96
C GLU A 59 22.94 -20.00 4.35
N SER A 60 23.87 -20.93 4.47
CA SER A 60 25.24 -20.80 3.99
C SER A 60 25.52 -19.93 2.76
N ASN A 61 24.87 -20.23 1.64
CA ASN A 61 25.12 -19.48 0.41
C ASN A 61 24.29 -18.20 0.23
N PHE A 62 23.41 -17.90 1.18
CA PHE A 62 22.59 -16.69 1.08
C PHE A 62 23.40 -15.47 1.49
N SER A 63 23.69 -14.59 0.52
CA SER A 63 24.45 -13.38 0.78
C SER A 63 23.71 -12.16 0.22
N PRO A 64 22.66 -11.73 0.91
CA PRO A 64 21.90 -10.57 0.44
C PRO A 64 22.68 -9.26 0.38
N LYS A 65 22.38 -8.44 -0.63
CA LYS A 65 23.00 -7.14 -0.77
C LYS A 65 21.97 -6.10 -0.34
N PHE A 66 21.86 -5.86 0.97
CA PHE A 66 20.88 -4.89 1.46
C PHE A 66 21.14 -3.46 1.00
N ASN A 67 20.08 -2.65 1.03
CA ASN A 67 20.12 -1.27 0.61
C ASN A 67 20.55 -1.07 -0.84
N GLU A 68 20.22 -2.06 -1.67
CA GLU A 68 20.56 -1.93 -3.08
C GLU A 68 19.80 -2.93 -3.92
N LYS A 69 19.89 -2.76 -5.24
CA LYS A 69 19.25 -3.69 -6.16
C LYS A 69 20.10 -4.94 -6.07
N ASP A 70 19.49 -6.04 -5.65
CA ASP A 70 20.16 -7.32 -5.48
C ASP A 70 19.55 -8.32 -6.46
N GLY A 71 19.90 -8.18 -7.74
CA GLY A 71 19.37 -9.09 -8.75
C GLY A 71 17.91 -8.79 -9.10
N HIS A 72 17.04 -9.77 -8.93
CA HIS A 72 15.63 -9.55 -9.23
C HIS A 72 14.91 -9.14 -7.95
N VAL A 73 15.68 -8.77 -6.94
CA VAL A 73 15.10 -8.35 -5.68
C VAL A 73 15.57 -6.93 -5.36
N GLU A 74 14.61 -6.02 -5.26
CA GLU A 74 14.93 -4.64 -4.93
C GLU A 74 15.00 -4.53 -3.41
N ARG A 75 16.21 -4.30 -2.91
CA ARG A 75 16.39 -4.22 -1.47
C ARG A 75 16.53 -2.78 -0.95
N LYS A 76 16.47 -1.80 -1.85
CA LYS A 76 16.57 -0.42 -1.40
C LYS A 76 15.26 0.01 -0.75
N SER A 77 15.33 0.76 0.33
CA SER A 77 14.11 1.25 0.98
C SER A 77 13.85 2.60 0.35
N LYS A 78 12.59 2.98 0.22
CA LYS A 78 12.27 4.26 -0.39
C LYS A 78 12.28 5.38 0.65
N ASN A 79 12.76 5.06 1.85
CA ASN A 79 12.87 6.06 2.92
C ASN A 79 14.36 6.28 3.22
N GLY A 80 15.24 5.74 2.38
CA GLY A 80 16.66 5.89 2.60
C GLY A 80 17.25 4.63 3.21
N LEU A 81 18.51 4.70 3.64
CA LEU A 81 19.17 3.53 4.22
C LEU A 81 18.55 3.01 5.48
N TYR A 82 18.59 1.69 5.66
CA TYR A 82 18.12 1.06 6.89
C TYR A 82 19.33 0.32 7.46
N GLU A 83 19.45 0.29 8.78
CA GLU A 83 20.59 -0.35 9.42
C GLU A 83 20.58 -1.85 9.35
N ILE A 84 21.78 -2.44 9.38
CA ILE A 84 21.96 -3.88 9.40
C ILE A 84 22.55 -4.17 10.76
N GLU A 85 21.87 -4.96 11.60
CA GLU A 85 22.38 -5.23 12.94
C GLU A 85 22.17 -6.72 13.14
N ASN A 86 23.22 -7.40 13.58
CA ASN A 86 23.16 -8.85 13.79
C ASN A 86 22.86 -9.54 12.44
N GLY A 87 23.44 -9.01 11.36
CA GLY A 87 23.27 -9.60 10.05
C GLY A 87 21.95 -9.39 9.34
N ARG A 88 21.02 -8.68 9.95
CA ARG A 88 19.73 -8.46 9.32
C ARG A 88 19.25 -7.03 9.42
N PRO A 89 18.27 -6.65 8.57
CA PRO A 89 17.72 -5.30 8.57
C PRO A 89 17.05 -4.89 9.89
N ARG A 90 17.01 -3.58 10.15
CA ARG A 90 16.33 -3.05 11.33
C ARG A 90 15.21 -2.15 10.79
N ASN A 91 13.98 -2.42 11.19
CA ASN A 91 12.80 -1.66 10.75
C ASN A 91 13.15 -0.17 10.95
N PRO A 92 13.05 0.64 9.89
CA PRO A 92 13.38 2.06 10.06
C PRO A 92 12.46 2.90 10.97
N ALA A 93 11.25 2.39 11.22
CA ALA A 93 10.30 3.09 12.09
C ALA A 93 10.48 2.66 13.55
N GLY A 94 11.31 1.65 13.79
CA GLY A 94 11.55 1.24 15.16
C GLY A 94 11.19 -0.20 15.58
N ARG A 95 11.27 -0.47 16.89
CA ARG A 95 10.99 -1.79 17.46
C ARG A 95 9.52 -2.15 17.29
N THR A 96 9.26 -3.44 17.09
CA THR A 96 7.88 -3.92 16.94
C THR A 96 7.55 -5.03 17.92
N GLY A 97 8.57 -5.57 18.60
CA GLY A 97 8.35 -6.63 19.55
C GLY A 97 8.41 -8.02 18.95
N LEU A 98 8.88 -8.12 17.72
CA LEU A 98 8.93 -9.41 17.07
C LEU A 98 10.05 -9.43 16.04
N VAL A 99 10.89 -10.47 16.07
CA VAL A 99 11.97 -10.57 15.11
C VAL A 99 11.64 -11.74 14.21
N GLY A 100 12.33 -11.71 13.05
CA GLY A 100 12.08 -12.63 11.99
C GLY A 100 11.25 -11.97 10.93
N ARG A 101 10.59 -12.77 10.08
CA ARG A 101 9.85 -12.13 8.99
C ARG A 101 8.32 -12.21 9.06
N GLY A 102 7.77 -12.97 9.99
CA GLY A 102 6.34 -13.10 10.03
C GLY A 102 5.89 -13.66 8.67
N LEU A 103 4.90 -13.01 8.05
CA LEU A 103 4.38 -13.44 6.74
C LEU A 103 5.09 -12.83 5.53
N LEU A 104 6.07 -11.96 5.77
N LEU A 104 6.05 -11.94 5.76
CA LEU A 104 6.81 -11.32 4.67
CA LEU A 104 6.76 -11.29 4.66
C LEU A 104 7.89 -12.21 4.12
C LEU A 104 7.91 -12.14 4.13
N GLY A 105 7.96 -12.29 2.80
CA GLY A 105 8.97 -13.11 2.19
C GLY A 105 10.38 -12.60 2.19
N ARG A 106 10.53 -11.28 2.15
CA ARG A 106 11.86 -10.68 2.12
C ARG A 106 12.31 -10.06 3.43
N TRP A 107 13.66 -10.18 3.65
CA TRP A 107 14.25 -9.50 4.74
C TRP A 107 14.21 -8.05 4.35
N GLY A 108 13.89 -7.16 5.31
CA GLY A 108 13.92 -5.77 4.89
C GLY A 108 12.63 -5.31 4.26
N PRO A 109 12.70 -4.39 3.28
CA PRO A 109 11.50 -3.86 2.63
C PRO A 109 10.83 -4.86 1.69
N ASN A 110 9.51 -5.00 1.75
CA ASN A 110 8.69 -5.82 0.94
C ASN A 110 7.85 -4.84 0.19
N HIS A 111 8.20 -4.65 -1.03
CA HIS A 111 7.54 -3.65 -1.86
C HIS A 111 6.20 -3.98 -2.50
N ALA A 112 5.33 -2.99 -2.48
CA ALA A 112 4.00 -3.09 -3.07
C ALA A 112 3.83 -1.84 -3.91
N ALA A 113 2.75 -1.79 -4.68
CA ALA A 113 2.49 -0.64 -5.53
C ALA A 113 0.98 -0.43 -5.49
N ASP A 114 0.58 0.83 -5.40
CA ASP A 114 -0.83 1.21 -5.31
C ASP A 114 -1.21 2.17 -6.42
N PRO A 115 -1.91 1.65 -7.44
CA PRO A 115 -2.34 2.46 -8.58
C PRO A 115 -3.66 3.15 -8.27
N ILE A 116 -3.64 4.47 -8.11
CA ILE A 116 -4.84 5.25 -7.82
C ILE A 116 -5.27 5.89 -9.13
N ILE A 117 -6.31 5.34 -9.74
CA ILE A 117 -6.80 5.88 -11.00
C ILE A 117 -7.97 6.79 -10.66
N THR A 118 -7.90 8.03 -11.11
CA THR A 118 -8.94 9.00 -10.82
C THR A 118 -9.47 9.69 -12.05
N ARG A 119 -10.65 10.29 -11.88
CA ARG A 119 -11.31 11.03 -12.93
C ARG A 119 -12.30 11.90 -12.19
N TRP A 120 -12.77 12.97 -12.84
CA TRP A 120 -13.77 13.83 -12.21
C TRP A 120 -15.14 13.16 -12.27
N LYS A 121 -15.95 13.30 -11.22
CA LYS A 121 -17.30 12.71 -11.24
C LYS A 121 -18.08 13.55 -12.27
N ARG A 122 -18.88 12.91 -13.12
CA ARG A 122 -19.65 13.66 -14.12
C ARG A 122 -21.12 13.29 -14.13
N ASP A 123 -21.98 14.25 -14.50
CA ASP A 123 -23.41 14.02 -14.52
C ASP A 123 -23.87 13.39 -15.84
N SER A 124 -25.18 13.31 -16.04
CA SER A 124 -25.72 12.70 -17.25
C SER A 124 -25.26 13.40 -18.53
N SER A 125 -24.90 14.68 -18.44
CA SER A 125 -24.45 15.43 -19.60
C SER A 125 -22.93 15.43 -19.75
N GLY A 126 -22.24 14.72 -18.85
CA GLY A 126 -20.80 14.63 -18.92
C GLY A 126 -20.06 15.85 -18.38
N ASN A 127 -20.72 16.59 -17.51
CA ASN A 127 -20.12 17.77 -16.91
C ASN A 127 -19.70 17.48 -15.48
N LYS A 128 -18.64 18.14 -15.02
CA LYS A 128 -18.15 17.94 -13.66
C LYS A 128 -19.18 18.40 -12.65
N ILE A 129 -19.02 17.96 -11.41
CA ILE A 129 -19.94 18.29 -10.36
C ILE A 129 -19.25 19.04 -9.23
N HIS A 131 -19.00 20.80 -5.55
CA HIS A 131 -19.56 20.64 -4.22
C HIS A 131 -19.71 22.05 -3.64
N PRO A 132 -20.90 22.39 -3.14
CA PRO A 132 -21.15 23.72 -2.58
C PRO A 132 -20.29 24.15 -1.39
N VAL A 133 -19.91 23.22 -0.54
CA VAL A 133 -19.12 23.55 0.65
C VAL A 133 -17.68 23.99 0.34
N SER A 134 -17.00 23.23 -0.53
CA SER A 134 -15.63 23.53 -0.92
C SER A 134 -15.55 24.39 -2.16
N GLY A 135 -16.56 24.28 -3.03
CA GLY A 135 -16.54 25.03 -4.26
C GLY A 135 -15.61 24.34 -5.25
N LYS A 136 -15.24 23.10 -4.95
CA LYS A 136 -14.33 22.33 -5.80
C LYS A 136 -15.09 21.16 -6.41
N HIS A 137 -14.60 20.64 -7.52
CA HIS A 137 -15.26 19.51 -8.16
C HIS A 137 -14.96 18.22 -7.41
N ILE A 138 -15.91 17.29 -7.49
CA ILE A 138 -15.80 15.99 -6.83
C ILE A 138 -14.97 15.08 -7.71
N LEU A 139 -13.98 14.41 -7.10
CA LEU A 139 -13.09 13.49 -7.81
C LEU A 139 -13.46 12.07 -7.38
N GLN A 140 -13.24 11.09 -8.27
CA GLN A 140 -13.51 9.69 -7.94
C GLN A 140 -12.25 8.90 -8.25
N PHE A 141 -12.11 7.73 -7.63
CA PHE A 141 -10.98 6.87 -7.95
C PHE A 141 -11.53 5.46 -7.95
N VAL A 142 -10.85 4.56 -8.66
CA VAL A 142 -11.30 3.17 -8.75
C VAL A 142 -10.88 2.38 -7.52
N ALA A 143 -11.86 1.87 -6.77
CA ALA A 143 -11.56 1.09 -5.58
C ALA A 143 -12.18 -0.30 -5.65
N ILE A 144 -11.55 -1.26 -4.97
CA ILE A 144 -12.05 -2.63 -4.92
C ILE A 144 -12.41 -3.00 -3.49
N LYS A 145 -13.37 -3.90 -3.34
CA LYS A 145 -13.76 -4.35 -2.02
C LYS A 145 -13.05 -5.69 -1.84
N ARG A 146 -12.10 -5.73 -0.91
CA ARG A 146 -11.32 -6.93 -0.65
C ARG A 146 -12.16 -8.14 -0.27
N LYS A 147 -11.93 -9.25 -0.97
CA LYS A 147 -12.67 -10.47 -0.69
C LYS A 147 -12.44 -10.99 0.73
N ASP A 148 -11.19 -10.96 1.18
CA ASP A 148 -10.86 -11.47 2.50
C ASP A 148 -11.50 -10.72 3.68
N CYS A 149 -11.42 -9.40 3.67
CA CYS A 149 -11.96 -8.61 4.78
C CYS A 149 -13.08 -7.63 4.39
N GLY A 150 -13.40 -7.58 3.10
CA GLY A 150 -14.47 -6.69 2.66
C GLY A 150 -14.21 -5.21 2.84
N GLU A 151 -12.94 -4.84 2.95
CA GLU A 151 -12.59 -3.43 3.10
C GLU A 151 -12.37 -2.83 1.72
N TRP A 152 -12.78 -1.58 1.56
CA TRP A 152 -12.58 -0.92 0.27
C TRP A 152 -11.13 -0.47 0.24
N ALA A 153 -10.49 -0.57 -0.92
CA ALA A 153 -9.10 -0.19 -1.00
C ALA A 153 -8.64 0.11 -2.42
N ILE A 154 -7.59 0.84 -2.51
CA ILE A 154 -6.84 0.92 -3.80
C ILE A 154 -6.46 -0.54 -4.26
N PRO A 155 -6.66 -0.73 -5.57
CA PRO A 155 -6.35 -2.05 -6.12
C PRO A 155 -4.85 -2.26 -6.31
N GLY A 156 -4.10 -2.33 -5.21
CA GLY A 156 -2.66 -2.52 -5.31
C GLY A 156 -2.23 -3.94 -5.01
N GLY A 157 -0.92 -4.14 -4.88
CA GLY A 157 -0.43 -5.47 -4.62
C GLY A 157 1.08 -5.52 -4.58
N VAL A 159 4.89 -6.27 -5.50
CA VAL A 159 5.73 -6.27 -6.65
C VAL A 159 6.22 -7.71 -6.79
N ASP A 160 6.08 -8.34 -7.95
CA ASP A 160 6.55 -9.72 -8.13
C ASP A 160 8.05 -9.73 -8.33
N PRO A 161 8.70 -10.87 -8.06
CA PRO A 161 10.15 -10.95 -8.23
C PRO A 161 10.61 -10.53 -9.63
N GLY A 162 11.52 -9.58 -9.68
CA GLY A 162 12.05 -9.09 -10.95
C GLY A 162 11.14 -8.15 -11.72
N GLU A 163 9.96 -7.87 -11.17
CA GLU A 163 8.98 -6.99 -11.80
C GLU A 163 9.25 -5.52 -11.48
N LYS A 164 8.97 -4.64 -12.45
CA LYS A 164 9.15 -3.21 -12.25
C LYS A 164 7.89 -2.61 -11.63
N ILE A 165 8.06 -1.64 -10.73
CA ILE A 165 6.93 -0.99 -10.06
C ILE A 165 5.87 -0.57 -11.08
N SER A 166 6.32 -0.04 -12.20
CA SER A 166 5.42 0.39 -13.27
C SER A 166 4.57 -0.77 -13.79
N ALA A 167 5.15 -1.97 -13.84
CA ALA A 167 4.42 -3.14 -14.31
C ALA A 167 3.42 -3.59 -13.25
N THR A 168 3.85 -3.57 -12.00
CA THR A 168 2.99 -3.96 -10.89
C THR A 168 1.77 -3.06 -10.91
N LEU A 169 2.02 -1.76 -11.10
CA LEU A 169 0.93 -0.78 -11.14
C LEU A 169 -0.07 -1.16 -12.24
N LYS A 170 0.44 -1.28 -13.47
CA LYS A 170 -0.41 -1.64 -14.62
C LYS A 170 -1.12 -2.99 -14.40
N ARG A 171 -0.35 -3.99 -13.99
CA ARG A 171 -0.89 -5.33 -13.78
C ARG A 171 -1.97 -5.44 -12.71
N GLU A 172 -1.69 -4.92 -11.51
CA GLU A 172 -2.66 -4.99 -10.42
C GLU A 172 -3.97 -4.27 -10.74
N PHE A 173 -3.87 -3.12 -11.38
CA PHE A 173 -5.06 -2.37 -11.71
C PHE A 173 -5.88 -3.18 -12.71
N GLY A 174 -5.27 -3.55 -13.83
CA GLY A 174 -5.95 -4.32 -14.85
C GLY A 174 -6.55 -5.63 -14.35
N GLU A 175 -5.75 -6.45 -13.68
CA GLU A 175 -6.24 -7.74 -13.20
C GLU A 175 -7.37 -7.66 -12.17
N GLU A 176 -7.30 -6.73 -11.23
CA GLU A 176 -8.35 -6.70 -10.23
C GLU A 176 -9.48 -5.70 -10.42
N ALA A 177 -9.21 -4.62 -11.15
CA ALA A 177 -10.24 -3.61 -11.37
C ALA A 177 -10.93 -3.77 -12.72
N LEU A 178 -10.22 -4.35 -13.69
CA LEU A 178 -10.78 -4.56 -15.02
C LEU A 178 -10.96 -6.06 -15.31
N ASN A 179 -10.34 -6.91 -14.51
CA ASN A 179 -10.42 -8.37 -14.67
C ASN A 179 -9.82 -8.79 -16.01
N SER A 180 -8.65 -8.24 -16.31
CA SER A 180 -7.95 -8.52 -17.57
C SER A 180 -7.60 -10.00 -17.75
N LEU A 181 -7.43 -10.71 -16.65
CA LEU A 181 -7.08 -12.13 -16.74
C LEU A 181 -8.18 -12.94 -17.42
N GLN A 182 -9.40 -12.41 -17.44
CA GLN A 182 -10.52 -13.13 -18.02
C GLN A 182 -11.36 -12.29 -18.98
N LYS A 183 -10.70 -11.49 -19.82
CA LYS A 183 -11.41 -10.65 -20.79
C LYS A 183 -11.14 -11.12 -22.21
N THR A 184 -12.17 -11.08 -23.05
CA THR A 184 -12.05 -11.48 -24.45
C THR A 184 -10.64 -11.16 -24.91
N SER A 185 -9.82 -12.17 -25.12
CA SER A 185 -8.46 -11.92 -25.60
C SER A 185 -8.54 -10.93 -26.76
N ALA A 186 -7.42 -10.26 -27.05
CA ALA A 186 -7.41 -9.26 -28.10
C ALA A 186 -8.11 -8.02 -27.56
N GLU A 187 -9.25 -8.26 -26.88
CA GLU A 187 -10.02 -7.18 -26.27
C GLU A 187 -9.12 -6.69 -25.14
N LYS A 188 -8.13 -7.52 -24.83
CA LYS A 188 -7.15 -7.22 -23.80
C LYS A 188 -6.20 -6.18 -24.39
N ARG A 189 -6.17 -6.10 -25.71
CA ARG A 189 -5.31 -5.14 -26.41
C ARG A 189 -5.77 -3.75 -26.01
N GLU A 190 -7.04 -3.49 -26.22
CA GLU A 190 -7.65 -2.20 -25.91
C GLU A 190 -7.36 -1.77 -24.48
N ILE A 191 -7.51 -2.69 -23.54
CA ILE A 191 -7.25 -2.39 -22.14
C ILE A 191 -5.78 -1.97 -22.04
N GLU A 192 -4.94 -2.59 -22.86
CA GLU A 192 -3.52 -2.29 -22.87
C GLU A 192 -3.27 -0.96 -23.58
N GLU A 193 -4.07 -0.67 -24.60
CA GLU A 193 -3.95 0.58 -25.35
C GLU A 193 -4.34 1.73 -24.43
N LYS A 194 -5.53 1.60 -23.84
CA LYS A 194 -6.08 2.61 -22.95
C LYS A 194 -5.19 2.81 -21.71
N LEU A 195 -4.89 1.73 -21.01
CA LEU A 195 -4.03 1.82 -19.83
C LEU A 195 -2.68 2.36 -20.25
N HIS A 196 -2.31 2.07 -21.49
CA HIS A 196 -1.03 2.54 -22.02
C HIS A 196 -1.08 4.05 -22.13
N LYS A 197 -2.11 4.57 -22.78
CA LYS A 197 -2.22 6.01 -22.93
C LYS A 197 -2.40 6.66 -21.55
N LEU A 198 -3.16 5.99 -20.68
CA LEU A 198 -3.38 6.51 -19.34
C LEU A 198 -2.09 6.53 -18.52
N PHE A 199 -1.43 5.39 -18.44
CA PHE A 199 -0.18 5.28 -17.69
C PHE A 199 1.00 5.91 -18.42
N SER A 200 0.76 6.47 -19.60
CA SER A 200 1.84 7.12 -20.36
C SER A 200 1.75 8.61 -20.10
N GLN A 201 0.55 9.08 -19.78
CA GLN A 201 0.37 10.49 -19.49
C GLN A 201 1.18 10.74 -18.23
N ASP A 202 1.36 11.99 -17.87
CA ASP A 202 2.12 12.28 -16.68
C ASP A 202 1.29 11.95 -15.44
N HIS A 203 1.91 11.20 -14.55
CA HIS A 203 1.30 10.76 -13.30
C HIS A 203 1.88 11.56 -12.16
N LEU A 204 1.49 11.18 -10.95
CA LEU A 204 1.99 11.82 -9.75
C LEU A 204 2.27 10.77 -8.69
N VAL A 205 3.52 10.84 -8.16
CA VAL A 205 3.80 9.99 -7.04
C VAL A 205 3.20 10.63 -5.85
N ILE A 206 2.38 9.76 -5.22
CA ILE A 206 1.71 10.33 -4.08
C ILE A 206 2.47 10.05 -2.79
N TYR A 207 2.96 8.82 -2.67
CA TYR A 207 3.69 8.40 -1.48
C TYR A 207 4.61 7.21 -1.76
N LYS A 208 5.79 7.21 -1.14
CA LYS A 208 6.74 6.11 -1.32
C LYS A 208 7.38 5.78 0.02
N GLY A 209 7.49 4.51 0.37
CA GLY A 209 8.15 4.17 1.61
C GLY A 209 7.36 3.36 2.61
N TYR A 210 7.86 3.38 3.83
CA TYR A 210 7.25 2.67 4.94
C TYR A 210 5.75 2.82 5.10
N VAL A 211 5.11 1.69 5.34
CA VAL A 211 3.70 1.62 5.62
C VAL A 211 3.52 0.94 6.95
N ASP A 212 2.91 1.62 7.90
CA ASP A 212 2.61 1.04 9.20
C ASP A 212 1.61 -0.10 8.94
N ASP A 213 2.10 -1.34 9.00
CA ASP A 213 1.31 -2.53 8.67
C ASP A 213 1.40 -3.62 9.74
N PRO A 214 0.29 -4.33 10.04
CA PRO A 214 0.35 -5.38 11.06
C PRO A 214 1.29 -6.55 10.70
N ARG A 215 1.75 -6.61 9.47
CA ARG A 215 2.67 -7.68 9.06
C ARG A 215 4.12 -7.32 9.34
N ASN A 216 4.37 -6.07 9.72
CA ASN A 216 5.76 -5.64 9.94
C ASN A 216 6.42 -6.27 11.17
N THR A 217 7.73 -6.45 11.08
CA THR A 217 8.53 -6.98 12.18
C THR A 217 9.76 -6.08 12.32
N ASP A 218 10.68 -6.44 13.22
CA ASP A 218 11.90 -5.67 13.43
C ASP A 218 12.81 -5.82 12.23
N ASN A 219 12.59 -6.90 11.47
CA ASN A 219 13.49 -7.21 10.38
C ASN A 219 12.95 -7.16 8.96
N ALA A 220 11.64 -6.99 8.84
CA ALA A 220 10.99 -6.98 7.52
C ALA A 220 9.75 -6.14 7.64
N TRP A 221 9.47 -5.33 6.64
CA TRP A 221 8.30 -4.46 6.70
C TRP A 221 7.76 -4.16 5.32
N GLU A 223 6.47 -1.70 2.29
CA GLU A 223 6.70 -0.39 1.71
C GLU A 223 5.81 -0.32 0.47
N THR A 224 5.37 0.87 0.13
CA THR A 224 4.54 0.99 -1.06
C THR A 224 4.92 2.19 -1.88
N GLU A 225 4.46 2.30 -3.07
CA GLU A 225 4.58 3.37 -4.00
C GLU A 225 3.20 3.63 -4.59
N ALA A 226 2.66 4.66 -4.07
CA ALA A 226 1.31 5.03 -4.49
C ALA A 226 1.42 6.06 -5.60
N VAL A 227 0.86 5.75 -6.77
CA VAL A 227 0.96 6.64 -7.91
C VAL A 227 -0.43 6.90 -8.48
N ASN A 228 -0.62 8.15 -8.90
CA ASN A 228 -1.91 8.61 -9.41
C ASN A 228 -1.83 8.91 -10.88
N TYR A 229 -2.64 8.13 -11.56
CA TYR A 229 -2.88 8.27 -12.97
C TYR A 229 -4.23 8.92 -13.04
N HIS A 230 -4.30 10.11 -13.57
CA HIS A 230 -5.51 10.88 -13.62
C HIS A 230 -6.03 11.10 -15.04
N ASP A 231 -7.33 10.94 -15.22
CA ASP A 231 -7.97 11.14 -16.53
C ASP A 231 -8.73 12.47 -16.48
N GLU A 232 -8.07 13.56 -16.90
CA GLU A 232 -8.68 14.89 -16.84
C GLU A 232 -9.97 15.07 -17.65
N THR A 233 -10.03 14.57 -18.88
CA THR A 233 -11.23 14.72 -19.70
C THR A 233 -12.27 13.62 -19.48
N GLY A 234 -11.78 12.43 -19.11
CA GLY A 234 -12.69 11.33 -18.90
C GLY A 234 -12.72 10.46 -20.14
N GLU A 235 -12.07 10.92 -21.21
CA GLU A 235 -12.04 10.17 -22.48
C GLU A 235 -11.47 8.77 -22.32
N ILE A 236 -10.40 8.66 -21.54
CA ILE A 236 -9.72 7.38 -21.36
C ILE A 236 -10.51 6.36 -20.56
N ASP A 238 -13.49 6.66 -19.89
CA ASP A 238 -14.83 6.79 -20.46
C ASP A 238 -15.49 5.45 -20.73
N ASN A 239 -15.00 4.77 -21.76
CA ASN A 239 -15.55 3.49 -22.16
C ASN A 239 -14.76 2.26 -21.69
N LEU A 240 -14.33 2.27 -20.43
CA LEU A 240 -13.60 1.13 -19.86
C LEU A 240 -14.42 0.65 -18.66
N LEU A 242 -15.52 -1.37 -15.40
CA LEU A 242 -14.83 -1.92 -14.25
C LEU A 242 -15.44 -3.28 -13.99
N GLU A 243 -14.58 -4.27 -13.79
CA GLU A 243 -15.01 -5.60 -13.52
C GLU A 243 -14.04 -6.16 -12.51
N ALA A 244 -14.56 -6.65 -11.39
CA ALA A 244 -13.73 -7.19 -10.31
C ALA A 244 -12.92 -8.42 -10.69
N GLY A 245 -11.66 -8.43 -10.25
CA GLY A 245 -10.80 -9.58 -10.50
C GLY A 245 -11.21 -10.65 -9.50
N ASP A 246 -10.61 -11.84 -9.58
CA ASP A 246 -11.04 -12.87 -8.65
C ASP A 246 -10.62 -12.60 -7.20
N ASP A 247 -9.72 -11.63 -6.99
CA ASP A 247 -9.31 -11.30 -5.62
C ASP A 247 -10.16 -10.19 -5.01
N ALA A 248 -11.09 -9.64 -5.79
CA ALA A 248 -11.95 -8.58 -5.27
C ALA A 248 -13.41 -8.98 -5.36
N GLY A 249 -14.18 -8.63 -4.34
CA GLY A 249 -15.60 -8.94 -4.32
C GLY A 249 -16.37 -7.93 -5.15
N LYS A 250 -15.89 -6.69 -5.12
CA LYS A 250 -16.52 -5.60 -5.87
C LYS A 250 -15.47 -4.62 -6.37
N VAL A 251 -15.88 -3.74 -7.27
CA VAL A 251 -15.03 -2.70 -7.84
C VAL A 251 -16.00 -1.61 -8.27
N LYS A 252 -15.59 -0.36 -8.13
CA LYS A 252 -16.47 0.75 -8.51
C LYS A 252 -15.74 2.08 -8.35
N TRP A 253 -16.31 3.12 -8.94
CA TRP A 253 -15.73 4.45 -8.79
C TRP A 253 -16.28 4.94 -7.46
N VAL A 254 -15.39 5.48 -6.63
N VAL A 254 -15.41 5.48 -6.61
CA VAL A 254 -15.76 5.98 -5.31
CA VAL A 254 -15.84 5.98 -5.32
C VAL A 254 -15.55 7.49 -5.23
C VAL A 254 -15.56 7.47 -5.21
N ASP A 255 -16.56 8.21 -4.76
CA ASP A 255 -16.46 9.66 -4.61
C ASP A 255 -15.47 9.99 -3.50
N ILE A 256 -14.55 10.89 -3.78
CA ILE A 256 -13.55 11.26 -2.78
C ILE A 256 -14.00 12.36 -1.83
N ASN A 257 -13.75 12.13 -0.55
CA ASN A 257 -14.05 13.11 0.48
C ASN A 257 -13.52 12.59 1.81
N ASP A 258 -13.43 13.49 2.79
CA ASP A 258 -12.90 13.16 4.10
C ASP A 258 -13.69 12.17 4.93
N LYS A 259 -14.77 11.65 4.38
CA LYS A 259 -15.57 10.68 5.13
C LYS A 259 -15.20 9.27 4.77
N LEU A 260 -14.39 9.11 3.73
CA LEU A 260 -14.00 7.77 3.28
C LEU A 260 -13.30 6.90 4.33
N LYS A 261 -13.63 5.62 4.30
CA LYS A 261 -13.05 4.64 5.21
C LYS A 261 -12.44 3.59 4.29
N LEU A 262 -11.10 3.50 4.31
CA LEU A 262 -10.42 2.55 3.45
C LEU A 262 -9.41 1.66 4.17
N TYR A 263 -9.01 0.60 3.48
CA TYR A 263 -8.04 -0.37 3.96
C TYR A 263 -6.67 0.27 4.18
N ALA A 264 -5.95 -0.28 5.16
CA ALA A 264 -4.59 0.17 5.49
C ALA A 264 -4.46 1.69 5.62
N SER A 265 -3.55 2.27 4.85
CA SER A 265 -3.33 3.71 4.91
C SER A 265 -3.80 4.37 3.62
N HIS A 266 -4.68 3.68 2.91
CA HIS A 266 -5.15 4.23 1.65
C HIS A 266 -5.87 5.57 1.75
N SER A 267 -6.57 5.85 2.84
CA SER A 267 -7.25 7.15 2.90
C SER A 267 -6.25 8.31 2.99
N GLN A 268 -5.07 8.06 3.54
CA GLN A 268 -4.08 9.13 3.63
C GLN A 268 -3.62 9.45 2.21
N PHE A 269 -3.47 8.41 1.41
CA PHE A 269 -3.05 8.56 0.03
C PHE A 269 -4.13 9.32 -0.74
N ILE A 270 -5.40 8.97 -0.49
CA ILE A 270 -6.48 9.64 -1.22
C ILE A 270 -6.55 11.11 -0.85
N LYS A 271 -6.34 11.44 0.41
CA LYS A 271 -6.34 12.84 0.83
C LYS A 271 -5.30 13.65 0.05
N LEU A 272 -4.11 13.08 -0.11
CA LEU A 272 -3.02 13.74 -0.84
C LEU A 272 -3.40 13.96 -2.31
N VAL A 273 -4.01 12.96 -2.93
CA VAL A 273 -4.44 13.11 -4.32
C VAL A 273 -5.46 14.26 -4.48
N ALA A 274 -6.44 14.33 -3.58
CA ALA A 274 -7.44 15.39 -3.68
C ALA A 274 -6.75 16.74 -3.57
N GLU A 275 -5.75 16.82 -2.69
CA GLU A 275 -5.00 18.06 -2.55
C GLU A 275 -4.29 18.41 -3.85
N LYS A 276 -3.56 17.47 -4.42
CA LYS A 276 -2.82 17.75 -5.66
C LYS A 276 -3.71 18.10 -6.86
N ARG A 277 -4.88 17.47 -6.93
CA ARG A 277 -5.81 17.70 -8.03
C ARG A 277 -6.82 18.82 -7.76
N ASP A 278 -6.69 19.48 -6.61
CA ASP A 278 -7.56 20.59 -6.22
C ASP A 278 -9.02 20.12 -6.20
N ALA A 279 -9.24 18.93 -5.66
CA ALA A 279 -10.59 18.36 -5.60
C ALA A 279 -11.27 18.59 -4.26
N HIS A 280 -12.58 18.39 -4.24
CA HIS A 280 -13.37 18.52 -3.02
C HIS A 280 -12.87 17.54 -1.97
N TRP A 281 -12.91 17.97 -0.71
CA TRP A 281 -12.49 17.13 0.41
C TRP A 281 -13.38 17.31 1.65
N SER A 282 -13.50 18.54 2.15
CA SER A 282 -14.29 18.80 3.36
C SER A 282 -15.79 18.68 3.18
N GLU A 283 -16.38 17.61 3.72
CA GLU A 283 -17.82 17.39 3.64
C GLU A 283 -18.57 18.37 4.52
N ASP A 284 -18.23 18.35 5.81
CA ASP A 284 -18.88 19.22 6.77
C ASP A 284 -17.94 20.24 7.40
N SER A 285 -18.35 21.50 7.34
CA SER A 285 -17.58 22.62 7.88
C SER A 285 -17.92 22.91 9.34
N GLU A 286 -18.64 22.01 9.99
CA GLU A 286 -19.03 22.20 11.39
C GLU A 286 -19.45 23.65 11.64
N ALA A 287 -20.06 24.27 10.64
CA ALA A 287 -20.50 25.66 10.76
C ALA A 287 -21.55 25.81 11.87
N ASP A 288 -22.27 24.73 12.11
N ASP A 288 -22.28 24.74 12.10
CA ASP A 288 -23.31 24.71 13.13
CA ASP A 288 -23.32 24.73 13.14
C ASP A 288 -22.73 24.76 14.53
C ASP A 288 -22.72 24.77 14.53
N CYS A 289 -21.45 24.42 14.65
CA CYS A 289 -20.75 24.44 15.94
C CYS A 289 -20.37 25.87 16.29
N HIS A 290 -20.55 26.78 15.35
CA HIS A 290 -20.19 28.18 15.54
C HIS A 290 -21.35 29.14 15.31
N ALA A 291 -22.20 28.83 14.33
CA ALA A 291 -23.35 29.68 14.00
C ALA A 291 -24.43 29.65 15.08
N LEU A 292 -25.13 30.78 15.24
CA LEU A 292 -26.20 30.88 16.24
C LEU A 292 -27.42 30.05 15.85
#